data_5IFC
#
_entry.id   5IFC
#
_cell.length_a   69.080
_cell.length_b   69.080
_cell.length_c   397.970
_cell.angle_alpha   90.000
_cell.angle_beta   90.000
_cell.angle_gamma   120.000
#
_symmetry.space_group_name_H-M   'P 65 2 2'
#
loop_
_entity.id
_entity.type
_entity.pdbx_description
1 polymer 'Polymerase acidic protein'
2 non-polymer 1-(4-bromophenyl)-1H-imidazole
3 non-polymer 'DIMETHYL SULFOXIDE'
4 water water
#
_entity_poly.entity_id   1
_entity_poly.type   'polypeptide(L)'
_entity_poly.pdbx_seq_one_letter_code
;GNARIEPFLKSTPRPLRLPDGPPCSQRSKFLLMDALKLSIEDPSHEGEGIPLYDAIKCMRTFFGWKEPNVVKPHEKGINP
NYLLSWKQVLAELQDIENEEKIPRTKNMKKTSQLKWALGENMAPEKVDFDDCKDVGDLKQYDSDEPELRSLASWIQNEFN
KACELTDSSWIELDEIGEDAAPIEHIASMRRNYFTAEVSHCRATEYIMKGVYINTALLNASCAAMDDFQLIPMISKCRTK
EGRRKTNLYGFIIKGRSHLRNDTDVVNFVSMEFSLTDPRLEPHKWEKYCVLEVGDMLLRSAIGHVSRPMFLYVRTNGTSK
IKMKWGMEMRRCLLQSLQQIESMIEAESSVKEKDMTKEFFENKSETWPVGESPKGVEEGSIGKVCRTLLAKSVFNSLYAS
PQLEGFSAESRKLLLIVQALRDNLEPGTFDLGGLYEAIEECLINDPWVLLNASWFNSFLTHALR
;
_entity_poly.pdbx_strand_id   A
#
# COMPACT_ATOMS: atom_id res chain seq x y z
N ARG A 14 9.08 23.34 -23.07
CA ARG A 14 9.81 22.08 -23.05
C ARG A 14 9.23 21.10 -22.04
N PRO A 15 8.50 20.09 -22.49
CA PRO A 15 8.17 18.98 -21.60
C PRO A 15 9.41 18.21 -21.19
N LEU A 16 9.30 17.46 -20.11
CA LEU A 16 10.41 16.65 -19.64
C LEU A 16 10.62 15.43 -20.53
N ARG A 17 11.89 15.00 -20.64
CA ARG A 17 12.21 13.77 -21.36
C ARG A 17 12.11 12.60 -20.40
N LEU A 18 11.05 11.82 -20.54
CA LEU A 18 10.98 10.58 -19.76
C LEU A 18 11.78 9.49 -20.47
N PRO A 19 12.48 8.64 -19.73
CA PRO A 19 13.36 7.65 -20.38
C PRO A 19 12.59 6.65 -21.21
N ASP A 20 13.30 6.06 -22.17
CA ASP A 20 12.80 4.95 -22.97
C ASP A 20 13.36 3.65 -22.41
N GLY A 21 12.68 2.56 -22.73
CA GLY A 21 13.10 1.26 -22.26
C GLY A 21 11.91 0.39 -21.95
N PRO A 22 12.18 -0.83 -21.48
CA PRO A 22 11.08 -1.74 -21.14
C PRO A 22 10.18 -1.11 -20.10
N PRO A 23 8.94 -1.58 -19.96
CA PRO A 23 8.03 -0.96 -18.99
C PRO A 23 8.54 -1.13 -17.57
N CYS A 24 8.12 -0.22 -16.70
CA CYS A 24 8.52 -0.29 -15.30
C CYS A 24 7.71 -1.36 -14.58
N SER A 25 8.25 -1.84 -13.45
CA SER A 25 7.67 -2.96 -12.73
C SER A 25 7.22 -2.57 -11.34
N GLN A 26 6.36 -3.40 -10.76
CA GLN A 26 5.90 -3.16 -9.40
C GLN A 26 7.04 -3.32 -8.38
N ARG A 27 7.11 -2.36 -7.44
CA ARG A 27 8.19 -2.34 -6.45
C ARG A 27 7.69 -1.93 -5.06
N SER A 28 6.44 -2.19 -4.74
CA SER A 28 5.95 -1.91 -3.40
C SER A 28 6.20 -3.12 -2.49
N LYS A 29 6.16 -2.88 -1.18
CA LYS A 29 6.41 -3.95 -0.20
C LYS A 29 5.26 -4.95 -0.13
N PHE A 30 4.06 -4.56 -0.55
CA PHE A 30 2.94 -5.49 -0.60
C PHE A 30 2.07 -5.10 -1.79
N LEU A 31 1.18 -6.02 -2.17
CA LEU A 31 0.26 -5.75 -3.25
C LEU A 31 -0.69 -4.60 -2.90
N LEU A 32 -1.06 -3.83 -3.92
CA LEU A 32 -1.92 -2.67 -3.76
C LEU A 32 -3.25 -3.01 -4.41
N MET A 33 -3.54 -2.51 -5.62
CA MET A 33 -4.82 -2.82 -6.25
C MET A 33 -5.03 -4.32 -6.47
N ASP A 34 -3.98 -5.13 -6.46
CA ASP A 34 -4.11 -6.55 -6.80
C ASP A 34 -4.30 -7.45 -5.60
N ALA A 35 -4.33 -6.90 -4.39
CA ALA A 35 -4.45 -7.75 -3.23
C ALA A 35 -5.81 -8.47 -3.23
N LEU A 36 -5.89 -9.51 -2.43
CA LEU A 36 -7.10 -10.30 -2.21
C LEU A 36 -7.17 -10.65 -0.74
N LYS A 37 -8.35 -10.53 -0.14
CA LYS A 37 -8.54 -10.77 1.27
C LYS A 37 -9.31 -12.08 1.47
N LEU A 38 -8.85 -12.90 2.41
CA LEU A 38 -9.70 -13.91 3.05
C LEU A 38 -10.11 -13.36 4.42
N SER A 39 -11.40 -13.34 4.70
CA SER A 39 -11.92 -12.60 5.84
C SER A 39 -12.84 -13.43 6.71
N ILE A 40 -12.87 -13.06 7.99
CA ILE A 40 -13.80 -13.61 8.96
C ILE A 40 -14.58 -12.45 9.55
N GLU A 41 -15.90 -12.52 9.49
CA GLU A 41 -16.74 -11.49 10.09
C GLU A 41 -16.86 -11.77 11.57
N ASP A 42 -17.14 -10.71 12.33
CA ASP A 42 -17.29 -10.64 13.78
C ASP A 42 -16.56 -11.77 14.50
N PRO A 43 -15.25 -11.89 14.32
CA PRO A 43 -14.55 -13.08 14.84
C PRO A 43 -14.74 -13.25 16.35
N SER A 44 -14.86 -14.51 16.78
CA SER A 44 -15.06 -14.81 18.20
C SER A 44 -14.55 -16.21 18.58
N HIS A 45 -13.48 -16.70 17.93
CA HIS A 45 -12.89 -17.99 18.23
C HIS A 45 -11.94 -17.89 19.42
N GLU A 46 -11.75 -19.02 20.12
CA GLU A 46 -10.82 -19.07 21.25
C GLU A 46 -9.45 -18.57 20.82
N GLY A 47 -9.00 -17.48 21.45
CA GLY A 47 -7.76 -16.84 21.04
C GLY A 47 -7.89 -15.88 19.88
N GLU A 48 -8.97 -15.10 19.82
CA GLU A 48 -9.16 -14.12 18.76
C GLU A 48 -8.30 -12.88 19.03
N GLY A 49 -7.63 -12.40 17.98
CA GLY A 49 -6.71 -11.29 18.12
C GLY A 49 -5.26 -11.69 18.12
N ILE A 50 -4.96 -12.98 18.14
CA ILE A 50 -3.61 -13.49 17.90
C ILE A 50 -3.48 -13.74 16.39
N PRO A 51 -2.54 -13.08 15.72
CA PRO A 51 -2.49 -13.16 14.24
C PRO A 51 -2.50 -14.57 13.69
N LEU A 52 -1.74 -15.48 14.31
CA LEU A 52 -1.67 -16.82 13.78
C LEU A 52 -3.02 -17.53 13.87
N TYR A 53 -3.75 -17.31 14.97
CA TYR A 53 -5.09 -17.88 15.08
C TYR A 53 -6.02 -17.31 14.01
N ASP A 54 -6.08 -15.97 13.91
CA ASP A 54 -6.92 -15.36 12.90
C ASP A 54 -6.54 -15.86 11.51
N ALA A 55 -5.24 -15.96 11.22
CA ALA A 55 -4.81 -16.38 9.88
C ALA A 55 -5.32 -17.78 9.56
N ILE A 56 -5.22 -18.70 10.52
CA ILE A 56 -5.68 -20.06 10.28
C ILE A 56 -7.17 -20.06 9.99
N LYS A 57 -7.94 -19.33 10.82
CA LYS A 57 -9.38 -19.27 10.61
C LYS A 57 -9.72 -18.62 9.28
N CYS A 58 -8.91 -17.65 8.84
CA CYS A 58 -9.10 -17.11 7.50
C CYS A 58 -8.80 -18.14 6.43
N MET A 59 -7.68 -18.86 6.56
CA MET A 59 -7.36 -19.90 5.58
C MET A 59 -8.50 -20.90 5.44
N ARG A 60 -9.03 -21.36 6.57
CA ARG A 60 -10.10 -22.34 6.56
C ARG A 60 -11.48 -21.80 6.13
N THR A 61 -11.61 -20.51 5.77
CA THR A 61 -12.84 -20.06 5.12
C THR A 61 -12.87 -20.40 3.63
N PHE A 62 -11.72 -20.76 3.06
CA PHE A 62 -11.57 -21.05 1.65
C PHE A 62 -11.49 -22.56 1.44
N PHE A 63 -12.25 -23.05 0.47
CA PHE A 63 -12.29 -24.47 0.17
C PHE A 63 -11.83 -24.78 -1.25
N GLY A 64 -11.36 -23.78 -1.99
CA GLY A 64 -10.93 -23.97 -3.35
C GLY A 64 -9.46 -24.31 -3.54
N TRP A 65 -8.71 -24.57 -2.47
CA TRP A 65 -7.29 -24.87 -2.60
C TRP A 65 -7.08 -26.02 -3.57
N LYS A 66 -5.92 -26.02 -4.22
CA LYS A 66 -5.53 -27.10 -5.12
C LYS A 66 -4.02 -27.13 -5.18
N GLU A 67 -3.50 -28.15 -5.86
CA GLU A 67 -2.07 -28.38 -5.98
C GLU A 67 -1.43 -27.20 -6.69
N PRO A 68 -0.60 -26.44 -6.02
CA PRO A 68 -0.06 -25.22 -6.63
C PRO A 68 0.94 -25.53 -7.72
N ASN A 69 0.97 -24.66 -8.74
CA ASN A 69 1.99 -24.69 -9.76
CA ASN A 69 1.98 -24.69 -9.78
C ASN A 69 2.37 -23.26 -10.14
N VAL A 70 3.57 -23.13 -10.71
CA VAL A 70 4.06 -21.87 -11.27
C VAL A 70 3.30 -21.54 -12.54
N VAL A 71 2.77 -20.31 -12.64
CA VAL A 71 2.15 -19.86 -13.89
C VAL A 71 2.83 -18.63 -14.48
N LYS A 72 3.65 -17.90 -13.72
CA LYS A 72 4.47 -16.82 -14.25
C LYS A 72 5.78 -16.86 -13.48
N PRO A 73 6.84 -17.38 -14.09
CA PRO A 73 8.08 -17.61 -13.34
C PRO A 73 8.86 -16.32 -13.16
N HIS A 74 9.62 -16.29 -12.06
CA HIS A 74 10.57 -15.21 -11.83
C HIS A 74 11.80 -15.49 -12.69
N GLU A 75 12.10 -14.59 -13.63
CA GLU A 75 13.14 -14.88 -14.63
C GLU A 75 14.54 -14.90 -14.04
N LYS A 76 14.75 -14.40 -12.82
CA LYS A 76 16.08 -14.37 -12.24
C LYS A 76 16.20 -15.21 -10.98
N GLY A 77 15.11 -15.75 -10.47
CA GLY A 77 15.12 -16.58 -9.29
C GLY A 77 15.02 -18.07 -9.57
N ILE A 78 14.99 -18.82 -8.49
CA ILE A 78 14.89 -20.27 -8.51
C ILE A 78 13.45 -20.64 -8.15
N ASN A 79 12.64 -20.85 -9.19
CA ASN A 79 11.22 -21.06 -9.05
C ASN A 79 10.80 -22.30 -8.26
N PRO A 80 11.47 -23.45 -8.40
CA PRO A 80 11.15 -24.57 -7.49
C PRO A 80 11.16 -24.19 -6.01
N ASN A 81 12.06 -23.28 -5.61
CA ASN A 81 12.16 -22.90 -4.21
C ASN A 81 10.98 -22.07 -3.75
N TYR A 82 10.41 -21.25 -4.62
CA TYR A 82 9.21 -20.52 -4.20
C TYR A 82 8.04 -21.49 -4.07
N LEU A 83 7.91 -22.41 -5.02
CA LEU A 83 6.85 -23.41 -4.90
C LEU A 83 6.98 -24.17 -3.58
N LEU A 84 8.20 -24.63 -3.27
CA LEU A 84 8.39 -25.40 -2.04
C LEU A 84 8.06 -24.56 -0.80
N SER A 85 8.34 -23.26 -0.86
CA SER A 85 8.09 -22.39 0.29
C SER A 85 6.60 -22.19 0.55
N TRP A 86 5.79 -22.08 -0.50
CA TRP A 86 4.35 -22.03 -0.28
C TRP A 86 3.84 -23.37 0.25
N LYS A 87 4.29 -24.49 -0.31
CA LYS A 87 3.85 -25.78 0.21
C LYS A 87 4.31 -25.97 1.64
N GLN A 88 5.45 -25.37 2.00
CA GLN A 88 5.91 -25.50 3.38
C GLN A 88 5.03 -24.70 4.32
N VAL A 89 4.60 -23.52 3.90
CA VAL A 89 3.66 -22.75 4.71
C VAL A 89 2.40 -23.57 4.99
N LEU A 90 1.81 -24.14 3.94
CA LEU A 90 0.59 -24.93 4.12
C LEU A 90 0.85 -26.14 5.03
N ALA A 91 1.98 -26.83 4.83
CA ALA A 91 2.32 -27.96 5.69
C ALA A 91 2.50 -27.53 7.14
N GLU A 92 3.25 -26.46 7.38
CA GLU A 92 3.48 -26.07 8.78
C GLU A 92 2.24 -25.45 9.42
N LEU A 93 1.40 -24.74 8.65
CA LEU A 93 0.12 -24.32 9.20
C LEU A 93 -0.74 -25.52 9.56
N GLN A 94 -0.75 -26.55 8.70
CA GLN A 94 -1.46 -27.77 9.02
C GLN A 94 -0.94 -28.42 10.30
N ASP A 95 0.35 -28.26 10.59
CA ASP A 95 0.91 -28.78 11.83
C ASP A 95 0.34 -28.07 13.05
N ILE A 96 0.42 -26.74 13.07
CA ILE A 96 -0.20 -25.91 14.09
C ILE A 96 -1.61 -26.36 14.40
N GLU A 97 -2.39 -26.64 13.35
CA GLU A 97 -3.78 -27.06 13.53
C GLU A 97 -3.92 -28.31 14.41
N ASN A 98 -2.90 -29.18 14.42
CA ASN A 98 -2.96 -30.46 15.13
C ASN A 98 -2.42 -30.40 16.55
N GLU A 99 -1.59 -29.41 16.87
CA GLU A 99 -1.15 -29.22 18.24
C GLU A 99 -2.33 -28.77 19.11
N GLU A 100 -2.48 -29.40 20.28
CA GLU A 100 -3.65 -29.16 21.13
C GLU A 100 -3.78 -27.68 21.47
N LYS A 101 -2.76 -27.12 22.11
CA LYS A 101 -2.66 -25.67 22.29
C LYS A 101 -2.04 -25.07 21.03
N ILE A 102 -2.83 -24.31 20.28
CA ILE A 102 -2.33 -23.63 19.09
C ILE A 102 -1.36 -22.53 19.54
N PRO A 103 -0.09 -22.58 19.15
CA PRO A 103 0.89 -21.61 19.67
C PRO A 103 0.63 -20.20 19.17
N ARG A 104 1.41 -19.27 19.73
CA ARG A 104 1.23 -17.85 19.43
C ARG A 104 2.04 -17.43 18.21
N THR A 105 3.25 -17.96 18.06
CA THR A 105 4.05 -17.73 16.86
C THR A 105 4.50 -19.06 16.28
N LYS A 106 5.00 -18.99 15.06
CA LYS A 106 5.36 -20.17 14.30
C LYS A 106 6.69 -19.86 13.64
N ASN A 107 7.71 -20.65 13.98
CA ASN A 107 9.05 -20.47 13.43
C ASN A 107 9.30 -21.59 12.44
N MET A 108 9.48 -21.22 11.18
CA MET A 108 9.59 -22.21 10.13
C MET A 108 10.90 -22.97 10.23
N LYS A 109 10.84 -24.26 9.92
CA LYS A 109 12.05 -25.03 9.67
C LYS A 109 12.94 -24.28 8.69
N LYS A 110 14.24 -24.29 8.95
CA LYS A 110 15.19 -23.64 8.04
C LYS A 110 15.54 -24.59 6.90
N THR A 111 14.57 -24.75 5.99
CA THR A 111 14.71 -25.60 4.80
C THR A 111 15.67 -24.96 3.80
N SER A 112 16.12 -25.78 2.84
CA SER A 112 16.98 -25.24 1.78
C SER A 112 16.26 -24.15 0.97
N GLN A 113 14.97 -24.35 0.65
CA GLN A 113 14.26 -23.32 -0.12
C GLN A 113 14.13 -22.01 0.66
N LEU A 114 13.86 -22.06 1.98
CA LEU A 114 13.82 -20.81 2.73
C LEU A 114 15.20 -20.21 2.93
N LYS A 115 16.23 -21.03 3.14
CA LYS A 115 17.57 -20.48 3.22
C LYS A 115 17.96 -19.76 1.95
N TRP A 116 17.60 -20.32 0.78
CA TRP A 116 17.97 -19.68 -0.47
C TRP A 116 17.20 -18.36 -0.65
N ALA A 117 15.88 -18.40 -0.39
CA ALA A 117 15.03 -17.25 -0.65
C ALA A 117 15.25 -16.10 0.31
N LEU A 118 15.74 -16.38 1.52
CA LEU A 118 16.03 -15.33 2.50
C LEU A 118 17.49 -14.90 2.46
N GLY A 119 18.30 -15.46 1.55
CA GLY A 119 19.65 -14.99 1.36
C GLY A 119 20.68 -15.48 2.35
N GLU A 120 20.52 -16.71 2.87
CA GLU A 120 21.38 -17.23 3.95
C GLU A 120 22.47 -18.23 3.51
N GLU A 147 19.57 1.12 -15.14
CA GLU A 147 18.72 0.50 -16.15
C GLU A 147 17.46 1.33 -16.37
N LEU A 148 17.35 1.95 -17.53
CA LEU A 148 16.20 2.79 -17.81
C LEU A 148 14.94 1.96 -18.00
N ARG A 149 13.84 2.42 -17.41
CA ARG A 149 12.52 1.85 -17.59
C ARG A 149 11.54 2.95 -17.97
N SER A 150 10.64 2.63 -18.90
CA SER A 150 9.65 3.58 -19.34
C SER A 150 8.39 3.45 -18.49
N LEU A 151 7.56 4.51 -18.53
CA LEU A 151 6.33 4.57 -17.76
C LEU A 151 5.29 3.61 -18.34
N ALA A 152 4.77 2.73 -17.52
CA ALA A 152 3.68 1.86 -17.93
C ALA A 152 2.36 2.40 -17.37
N SER A 153 1.24 1.98 -17.98
CA SER A 153 -0.05 2.49 -17.52
C SER A 153 -0.50 1.97 -16.14
N TRP A 154 0.08 0.87 -15.62
CA TRP A 154 -0.44 0.26 -14.40
C TRP A 154 -0.34 1.21 -13.19
N ILE A 155 0.67 2.06 -13.13
CA ILE A 155 0.89 2.84 -11.90
C ILE A 155 -0.17 3.94 -11.79
N GLN A 156 -0.62 4.50 -12.92
CA GLN A 156 -1.77 5.41 -12.90
C GLN A 156 -3.05 4.69 -12.46
N ASN A 157 -3.21 3.42 -12.87
CA ASN A 157 -4.40 2.68 -12.46
C ASN A 157 -4.34 2.37 -10.97
N GLU A 158 -3.15 2.04 -10.46
CA GLU A 158 -2.97 1.87 -9.03
C GLU A 158 -3.42 3.12 -8.30
N PHE A 159 -2.98 4.29 -8.80
CA PHE A 159 -3.33 5.53 -8.13
C PHE A 159 -4.84 5.80 -8.18
N ASN A 160 -5.48 5.54 -9.33
CA ASN A 160 -6.94 5.65 -9.41
C ASN A 160 -7.61 4.70 -8.42
N LYS A 161 -7.15 3.45 -8.34
CA LYS A 161 -7.71 2.54 -7.37
C LYS A 161 -7.52 3.06 -5.94
N ALA A 162 -6.40 3.72 -5.67
CA ALA A 162 -6.14 4.19 -4.31
C ALA A 162 -7.11 5.29 -3.90
N CYS A 163 -7.64 6.06 -4.86
CA CYS A 163 -8.56 7.14 -4.53
C CYS A 163 -10.00 6.66 -4.29
N GLU A 164 -10.36 5.48 -4.76
CA GLU A 164 -11.73 5.01 -4.64
C GLU A 164 -12.11 4.76 -3.19
N LEU A 165 -13.42 4.70 -2.97
CA LEU A 165 -14.01 4.29 -1.71
C LEU A 165 -14.15 2.78 -1.71
N THR A 166 -13.94 2.17 -0.54
CA THR A 166 -14.32 0.79 -0.33
C THR A 166 -15.66 0.73 0.41
N ASP A 167 -16.18 -0.48 0.60
CA ASP A 167 -17.43 -0.68 1.32
C ASP A 167 -17.22 -0.92 2.82
N SER A 168 -16.02 -0.64 3.33
CA SER A 168 -15.73 -0.83 4.75
C SER A 168 -14.83 0.29 5.25
N SER A 169 -14.95 0.58 6.54
CA SER A 169 -14.19 1.64 7.20
C SER A 169 -12.92 1.06 7.81
N TRP A 170 -11.82 1.81 7.70
CA TRP A 170 -10.50 1.34 8.12
C TRP A 170 -9.91 2.11 9.28
N ILE A 171 -10.56 3.18 9.73
CA ILE A 171 -10.10 3.94 10.89
C ILE A 171 -11.30 4.27 11.75
N GLU A 172 -11.01 4.58 13.01
CA GLU A 172 -12.03 5.02 13.94
C GLU A 172 -12.21 6.53 13.81
N LEU A 173 -13.31 7.02 14.38
CA LEU A 173 -13.69 8.40 14.16
C LEU A 173 -12.64 9.39 14.68
N ASP A 174 -11.98 9.06 15.79
CA ASP A 174 -10.92 9.91 16.32
C ASP A 174 -9.53 9.32 16.09
N GLU A 175 -9.36 8.61 14.97
CA GLU A 175 -8.03 8.10 14.61
C GLU A 175 -7.06 9.23 14.35
N ILE A 176 -7.51 10.28 13.67
CA ILE A 176 -6.60 11.32 13.20
C ILE A 176 -6.28 12.28 14.33
N GLY A 177 -4.98 12.43 14.61
CA GLY A 177 -4.59 13.36 15.66
C GLY A 177 -3.95 12.73 16.89
N GLU A 178 -2.90 13.39 17.39
CA GLU A 178 -2.17 13.01 18.58
C GLU A 178 -2.37 13.98 19.73
N ASP A 179 -3.39 14.81 19.69
CA ASP A 179 -3.44 15.97 20.58
C ASP A 179 -3.55 15.54 22.04
N ALA A 180 -2.82 16.22 22.92
CA ALA A 180 -2.86 15.89 24.35
C ALA A 180 -4.12 16.42 24.99
N ALA A 181 -4.61 17.55 24.52
CA ALA A 181 -5.82 18.19 25.00
C ALA A 181 -6.96 17.97 24.02
N PRO A 182 -8.20 18.24 24.44
CA PRO A 182 -9.30 18.29 23.48
C PRO A 182 -9.08 19.41 22.47
N ILE A 183 -9.27 19.07 21.19
CA ILE A 183 -9.13 20.06 20.11
C ILE A 183 -10.30 21.04 20.17
N GLU A 184 -10.01 22.29 19.78
CA GLU A 184 -11.02 23.33 19.73
C GLU A 184 -12.11 23.01 18.70
N HIS A 185 -13.17 23.82 18.69
CA HIS A 185 -14.40 23.47 17.97
C HIS A 185 -14.19 23.40 16.46
N ILE A 186 -13.49 24.37 15.88
CA ILE A 186 -13.33 24.34 14.43
C ILE A 186 -12.46 23.16 14.02
N ALA A 187 -11.38 22.92 14.76
CA ALA A 187 -10.53 21.79 14.41
C ALA A 187 -11.31 20.49 14.44
N SER A 188 -12.19 20.33 15.43
CA SER A 188 -13.02 19.13 15.51
C SER A 188 -13.91 18.98 14.28
N MET A 189 -14.66 20.03 13.95
CA MET A 189 -15.52 20.03 12.77
C MET A 189 -14.75 19.60 11.51
N ARG A 190 -13.57 20.19 11.28
CA ARG A 190 -12.77 19.82 10.11
C ARG A 190 -12.35 18.35 10.15
N ARG A 191 -11.88 17.87 11.31
CA ARG A 191 -11.48 16.47 11.39
CA ARG A 191 -11.49 16.47 11.42
C ARG A 191 -12.64 15.54 11.06
N ASN A 192 -13.86 15.88 11.50
CA ASN A 192 -15.00 15.00 11.29
C ASN A 192 -15.44 14.98 9.84
N TYR A 193 -15.45 16.14 9.18
CA TYR A 193 -15.73 16.18 7.76
C TYR A 193 -14.70 15.34 6.99
N PHE A 194 -13.42 15.57 7.28
CA PHE A 194 -12.35 14.89 6.56
C PHE A 194 -12.40 13.39 6.76
N THR A 195 -12.48 12.96 8.03
CA THR A 195 -12.59 11.55 8.35
C THR A 195 -13.77 10.92 7.63
N ALA A 196 -14.92 11.62 7.59
CA ALA A 196 -16.06 11.08 6.87
C ALA A 196 -15.71 10.76 5.42
N GLU A 197 -14.85 11.59 4.81
CA GLU A 197 -14.51 11.42 3.39
C GLU A 197 -13.48 10.34 3.14
N VAL A 198 -12.56 10.09 4.08
CA VAL A 198 -11.41 9.25 3.81
C VAL A 198 -11.43 7.94 4.58
N SER A 199 -12.36 7.77 5.54
CA SER A 199 -12.36 6.58 6.39
C SER A 199 -12.51 5.29 5.58
N HIS A 200 -13.29 5.32 4.51
CA HIS A 200 -13.53 4.14 3.69
C HIS A 200 -12.62 4.10 2.48
N CYS A 201 -11.74 5.10 2.34
CA CYS A 201 -10.89 5.19 1.17
C CYS A 201 -9.94 3.99 1.08
N ARG A 202 -9.64 3.56 -0.14
CA ARG A 202 -8.72 2.45 -0.32
C ARG A 202 -7.32 2.82 0.12
N ALA A 203 -6.91 4.09 -0.09
CA ALA A 203 -5.61 4.52 0.42
C ALA A 203 -5.50 4.28 1.93
N THR A 204 -6.61 4.45 2.67
CA THR A 204 -6.60 4.21 4.12
C THR A 204 -6.44 2.73 4.45
N GLU A 205 -7.07 1.84 3.69
CA GLU A 205 -6.77 0.43 3.86
C GLU A 205 -5.27 0.15 3.68
N TYR A 206 -4.62 0.81 2.71
CA TYR A 206 -3.17 0.63 2.53
C TYR A 206 -2.38 1.12 3.74
N ILE A 207 -2.76 2.28 4.28
CA ILE A 207 -2.17 2.79 5.52
C ILE A 207 -2.21 1.72 6.61
N MET A 208 -3.39 1.16 6.87
CA MET A 208 -3.54 0.28 8.02
C MET A 208 -2.89 -1.07 7.77
N LYS A 209 -3.07 -1.61 6.58
CA LYS A 209 -2.26 -2.73 6.11
C LYS A 209 -0.77 -2.46 6.35
N GLY A 210 -0.28 -1.34 5.80
CA GLY A 210 1.13 -1.03 5.97
C GLY A 210 1.55 -0.92 7.41
N VAL A 211 0.73 -0.25 8.24
CA VAL A 211 1.05 -0.13 9.66
C VAL A 211 1.11 -1.51 10.33
N TYR A 212 0.15 -2.38 10.06
CA TYR A 212 0.13 -3.70 10.70
CA TYR A 212 0.14 -3.70 10.69
C TYR A 212 1.38 -4.50 10.35
N ILE A 213 1.68 -4.65 9.06
CA ILE A 213 2.76 -5.57 8.69
C ILE A 213 4.11 -5.03 9.13
N ASN A 214 4.30 -3.71 9.11
CA ASN A 214 5.58 -3.16 9.55
C ASN A 214 5.73 -3.31 11.05
N THR A 215 4.63 -3.19 11.79
CA THR A 215 4.66 -3.38 13.23
C THR A 215 4.99 -4.83 13.56
N ALA A 216 4.35 -5.76 12.86
CA ALA A 216 4.59 -7.17 13.07
C ALA A 216 6.03 -7.52 12.75
N LEU A 217 6.53 -7.05 11.61
CA LEU A 217 7.86 -7.39 11.17
C LEU A 217 8.91 -6.74 12.06
N LEU A 218 8.69 -5.49 12.48
CA LEU A 218 9.66 -4.85 13.38
C LEU A 218 9.72 -5.59 14.71
N ASN A 219 8.58 -6.02 15.22
CA ASN A 219 8.56 -6.71 16.51
C ASN A 219 9.18 -8.10 16.40
N ALA A 220 8.90 -8.81 15.30
CA ALA A 220 9.56 -10.10 15.08
C ALA A 220 11.05 -9.92 14.91
N SER A 221 11.47 -8.81 14.30
CA SER A 221 12.88 -8.59 14.01
C SER A 221 13.70 -8.57 15.27
N CYS A 222 13.07 -8.22 16.37
CA CYS A 222 13.69 -8.04 17.66
C CYS A 222 13.37 -9.15 18.64
N ALA A 223 12.21 -9.78 18.53
CA ALA A 223 11.83 -10.84 19.46
C ALA A 223 12.24 -12.22 18.99
N ALA A 224 12.45 -12.41 17.68
CA ALA A 224 12.78 -13.69 17.11
C ALA A 224 13.96 -13.54 16.14
N MET A 225 15.06 -12.97 16.64
CA MET A 225 16.13 -12.54 15.75
C MET A 225 16.64 -13.67 14.86
N ASP A 226 16.76 -14.87 15.41
CA ASP A 226 17.38 -15.97 14.66
C ASP A 226 16.39 -16.87 13.94
N ASP A 227 15.09 -16.55 13.99
CA ASP A 227 14.05 -17.45 13.50
C ASP A 227 13.52 -16.99 12.15
N PHE A 228 13.19 -17.97 11.30
CA PHE A 228 12.42 -17.76 10.08
C PHE A 228 10.94 -17.70 10.49
N GLN A 229 10.55 -16.58 11.07
CA GLN A 229 9.20 -16.48 11.61
C GLN A 229 8.17 -16.25 10.51
N LEU A 230 7.06 -17.00 10.60
CA LEU A 230 5.89 -16.86 9.73
C LEU A 230 5.01 -15.73 10.24
N ILE A 231 4.80 -14.71 9.43
CA ILE A 231 4.12 -13.49 9.88
C ILE A 231 2.92 -13.23 8.97
N PRO A 232 1.72 -13.47 9.46
CA PRO A 232 0.50 -13.16 8.69
C PRO A 232 0.38 -11.67 8.33
N MET A 233 -0.11 -11.40 7.13
CA MET A 233 -0.47 -10.04 6.74
C MET A 233 -1.95 -9.84 7.00
N ILE A 234 -2.26 -9.05 8.02
CA ILE A 234 -3.61 -8.90 8.54
C ILE A 234 -4.03 -7.44 8.47
N SER A 235 -5.32 -7.21 8.24
CA SER A 235 -5.91 -5.90 8.45
C SER A 235 -7.30 -6.10 9.05
N LYS A 236 -7.81 -5.02 9.62
CA LYS A 236 -9.11 -5.03 10.26
C LYS A 236 -9.91 -3.83 9.78
N CYS A 237 -11.21 -4.06 9.55
CA CYS A 237 -12.13 -3.05 9.08
C CYS A 237 -13.50 -3.37 9.64
N ARG A 238 -14.44 -2.47 9.38
CA ARG A 238 -15.82 -2.59 9.85
C ARG A 238 -16.75 -2.37 8.66
N THR A 239 -17.79 -3.21 8.54
CA THR A 239 -18.66 -3.20 7.38
C THR A 239 -19.69 -2.06 7.49
N LYS A 240 -20.37 -1.77 6.36
CA LYS A 240 -21.38 -0.71 6.39
C LYS A 240 -22.46 -1.00 7.42
N GLU A 241 -22.65 -2.26 7.76
CA GLU A 241 -23.60 -2.65 8.80
C GLU A 241 -22.98 -2.72 10.18
N GLY A 242 -21.67 -2.51 10.30
CA GLY A 242 -21.00 -2.44 11.58
C GLY A 242 -20.33 -3.71 12.02
N ARG A 243 -20.25 -4.72 11.15
CA ARG A 243 -19.63 -5.97 11.53
C ARG A 243 -18.11 -5.81 11.50
N ARG A 244 -17.45 -6.14 12.61
CA ARG A 244 -16.01 -6.16 12.62
C ARG A 244 -15.53 -7.30 11.72
N LYS A 245 -14.52 -7.04 10.88
CA LYS A 245 -13.98 -8.06 9.98
C LYS A 245 -12.47 -8.10 10.13
N THR A 246 -11.90 -9.30 10.08
CA THR A 246 -10.46 -9.50 10.10
C THR A 246 -10.06 -10.10 8.75
N ASN A 247 -9.07 -9.51 8.10
CA ASN A 247 -8.72 -9.87 6.73
C ASN A 247 -7.30 -10.37 6.68
N LEU A 248 -7.06 -11.37 5.85
CA LEU A 248 -5.74 -11.95 5.64
C LEU A 248 -5.38 -11.82 4.17
N TYR A 249 -4.31 -11.06 3.88
CA TYR A 249 -3.80 -10.87 2.53
C TYR A 249 -2.80 -11.94 2.10
N GLY A 250 -2.22 -12.66 3.05
CA GLY A 250 -1.13 -13.58 2.78
C GLY A 250 -0.16 -13.66 3.95
N PHE A 251 1.07 -14.05 3.66
CA PHE A 251 2.05 -14.25 4.70
C PHE A 251 3.39 -13.65 4.29
N ILE A 252 4.20 -13.27 5.28
CA ILE A 252 5.61 -13.02 5.06
CA ILE A 252 5.61 -12.96 5.12
C ILE A 252 6.41 -13.92 6.00
N ILE A 253 7.61 -14.29 5.54
CA ILE A 253 8.56 -15.05 6.35
C ILE A 253 9.82 -14.22 6.45
N LYS A 254 10.22 -13.86 7.66
CA LYS A 254 11.42 -13.06 7.81
C LYS A 254 12.65 -13.94 7.93
N GLY A 255 13.81 -13.40 7.56
CA GLY A 255 15.08 -14.05 7.77
C GLY A 255 15.70 -13.63 9.10
N ARG A 256 16.94 -14.05 9.31
CA ARG A 256 17.70 -13.59 10.47
C ARG A 256 17.74 -12.07 10.46
N SER A 257 17.55 -11.48 11.63
CA SER A 257 17.39 -10.06 11.77
C SER A 257 18.10 -9.61 13.05
N HIS A 258 19.43 -9.63 13.04
CA HIS A 258 20.21 -8.98 14.08
C HIS A 258 20.50 -7.54 13.66
N LEU A 259 19.44 -6.73 13.71
CA LEU A 259 19.44 -5.34 13.22
C LEU A 259 20.10 -4.44 14.26
N ARG A 260 21.44 -4.29 14.15
CA ARG A 260 22.15 -3.42 15.07
C ARG A 260 21.93 -1.95 14.73
N ASN A 261 21.63 -1.63 13.47
CA ASN A 261 21.46 -0.23 13.06
C ASN A 261 20.11 -0.02 12.42
N ASP A 262 19.78 1.25 12.23
CA ASP A 262 18.58 1.63 11.49
C ASP A 262 18.65 1.19 10.04
N THR A 263 19.84 1.16 9.45
CA THR A 263 20.02 0.82 8.05
C THR A 263 20.31 -0.65 7.82
N ASP A 264 20.44 -1.45 8.86
CA ASP A 264 20.59 -2.88 8.65
C ASP A 264 19.28 -3.47 8.12
N VAL A 265 19.42 -4.53 7.32
CA VAL A 265 18.35 -5.05 6.51
C VAL A 265 17.92 -6.41 7.06
N VAL A 266 16.61 -6.62 7.15
CA VAL A 266 16.06 -7.96 7.34
C VAL A 266 15.42 -8.37 6.02
N ASN A 267 15.90 -9.46 5.45
CA ASN A 267 15.28 -9.99 4.25
C ASN A 267 13.97 -10.68 4.63
N PHE A 268 13.06 -10.77 3.66
CA PHE A 268 11.85 -11.56 3.89
C PHE A 268 11.33 -12.08 2.56
N VAL A 269 10.46 -13.09 2.65
CA VAL A 269 9.72 -13.61 1.51
C VAL A 269 8.26 -13.30 1.76
N SER A 270 7.59 -12.76 0.74
CA SER A 270 6.19 -12.35 0.82
C SER A 270 5.36 -13.22 -0.11
N MET A 271 4.16 -13.55 0.33
CA MET A 271 3.29 -14.52 -0.36
C MET A 271 1.87 -13.98 -0.26
N GLU A 272 1.32 -13.51 -1.37
CA GLU A 272 0.13 -12.68 -1.33
C GLU A 272 -0.92 -13.21 -2.29
N PHE A 273 -2.13 -13.40 -1.79
CA PHE A 273 -3.22 -13.83 -2.64
C PHE A 273 -3.59 -12.72 -3.62
N SER A 274 -4.14 -13.12 -4.75
CA SER A 274 -4.59 -12.17 -5.75
C SER A 274 -5.54 -12.90 -6.66
N LEU A 275 -6.47 -12.17 -7.25
CA LEU A 275 -7.25 -12.67 -8.37
C LEU A 275 -6.70 -12.20 -9.70
N THR A 276 -5.62 -11.41 -9.70
CA THR A 276 -5.03 -10.88 -10.93
C THR A 276 -4.19 -11.94 -11.63
N ASP A 277 -4.57 -12.27 -12.86
CA ASP A 277 -3.76 -13.12 -13.73
C ASP A 277 -2.50 -12.36 -14.11
N PRO A 278 -1.32 -12.81 -13.69
CA PRO A 278 -0.08 -12.09 -14.03
C PRO A 278 0.26 -12.14 -15.52
N ARG A 279 -0.41 -12.96 -16.32
CA ARG A 279 -0.06 -13.07 -17.72
C ARG A 279 -0.61 -11.93 -18.57
N LEU A 280 -1.47 -11.07 -18.01
CA LEU A 280 -2.01 -9.93 -18.75
C LEU A 280 -1.05 -8.75 -18.78
N GLU A 281 -0.35 -8.51 -17.67
CA GLU A 281 0.67 -7.46 -17.58
C GLU A 281 1.98 -8.04 -17.04
N PRO A 282 2.66 -8.89 -17.83
CA PRO A 282 3.86 -9.56 -17.30
C PRO A 282 4.93 -8.60 -16.82
N HIS A 283 5.10 -7.47 -17.52
CA HIS A 283 6.16 -6.51 -17.18
C HIS A 283 6.01 -5.99 -15.76
N LYS A 284 4.79 -5.92 -15.23
CA LYS A 284 4.57 -5.41 -13.89
C LYS A 284 5.16 -6.35 -12.84
N TRP A 285 5.24 -7.64 -13.15
CA TRP A 285 5.57 -8.68 -12.17
C TRP A 285 6.96 -9.27 -12.39
N GLU A 286 7.86 -8.46 -12.95
CA GLU A 286 9.24 -8.84 -13.20
C GLU A 286 9.94 -9.41 -11.96
N LYS A 287 9.63 -8.88 -10.78
CA LYS A 287 10.33 -9.27 -9.56
C LYS A 287 9.65 -10.43 -8.84
N TYR A 288 8.67 -11.07 -9.47
CA TYR A 288 7.83 -12.04 -8.80
C TYR A 288 7.83 -13.39 -9.49
N CYS A 289 7.67 -14.44 -8.70
CA CYS A 289 7.21 -15.73 -9.19
C CYS A 289 5.76 -15.85 -8.74
N VAL A 290 4.88 -16.22 -9.66
CA VAL A 290 3.46 -16.23 -9.39
C VAL A 290 2.95 -17.66 -9.53
N LEU A 291 2.27 -18.14 -8.49
CA LEU A 291 1.70 -19.47 -8.49
C LEU A 291 0.20 -19.38 -8.63
N GLU A 292 -0.39 -20.46 -9.13
CA GLU A 292 -1.83 -20.64 -9.09
C GLU A 292 -2.11 -21.68 -8.00
N VAL A 293 -2.91 -21.28 -7.01
CA VAL A 293 -3.03 -22.04 -5.76
C VAL A 293 -4.46 -22.49 -5.45
N GLY A 294 -5.47 -22.02 -6.18
CA GLY A 294 -6.83 -22.48 -5.93
C GLY A 294 -7.80 -21.93 -6.95
N ASP A 295 -9.08 -22.14 -6.71
CA ASP A 295 -10.15 -21.60 -7.56
C ASP A 295 -11.26 -21.09 -6.66
N MET A 296 -11.70 -19.86 -6.90
CA MET A 296 -12.66 -19.21 -6.03
C MET A 296 -13.98 -18.98 -6.74
N LEU A 297 -15.07 -19.22 -6.02
CA LEU A 297 -16.42 -18.97 -6.52
C LEU A 297 -16.79 -17.54 -6.18
N LEU A 298 -17.24 -16.79 -7.18
CA LEU A 298 -17.39 -15.35 -7.01
C LEU A 298 -18.78 -14.89 -7.44
N ARG A 299 -19.33 -13.98 -6.65
CA ARG A 299 -20.47 -13.18 -7.09
C ARG A 299 -20.00 -12.17 -8.12
N SER A 300 -20.72 -12.05 -9.23
CA SER A 300 -20.32 -11.13 -10.28
C SER A 300 -21.56 -10.62 -10.99
N ALA A 301 -21.34 -9.66 -11.89
CA ALA A 301 -22.43 -9.14 -12.68
C ALA A 301 -23.10 -10.20 -13.55
N ILE A 302 -22.44 -11.34 -13.81
CA ILE A 302 -23.07 -12.46 -14.49
C ILE A 302 -23.52 -13.54 -13.51
N GLY A 303 -23.50 -13.26 -12.21
CA GLY A 303 -23.85 -14.27 -11.25
C GLY A 303 -22.61 -15.01 -10.80
N HIS A 304 -22.81 -16.21 -10.24
CA HIS A 304 -21.68 -17.00 -9.75
C HIS A 304 -20.71 -17.30 -10.88
N VAL A 305 -19.42 -17.09 -10.60
CA VAL A 305 -18.36 -17.43 -11.53
C VAL A 305 -17.19 -18.01 -10.74
N SER A 306 -16.45 -18.90 -11.40
CA SER A 306 -15.26 -19.52 -10.83
C SER A 306 -14.03 -18.86 -11.45
N ARG A 307 -13.17 -18.30 -10.61
CA ARG A 307 -11.95 -17.66 -11.07
C ARG A 307 -10.76 -18.24 -10.31
N PRO A 308 -9.63 -18.43 -10.98
CA PRO A 308 -8.45 -18.94 -10.28
C PRO A 308 -7.92 -17.92 -9.28
N MET A 309 -7.34 -18.44 -8.21
CA MET A 309 -6.69 -17.63 -7.18
C MET A 309 -5.19 -17.81 -7.30
N PHE A 310 -4.46 -16.71 -7.41
CA PHE A 310 -3.02 -16.73 -7.57
C PHE A 310 -2.33 -16.37 -6.26
N LEU A 311 -1.01 -16.54 -6.27
CA LEU A 311 -0.18 -16.21 -5.12
C LEU A 311 1.06 -15.52 -5.66
N TYR A 312 1.21 -14.25 -5.32
CA TYR A 312 2.35 -13.46 -5.76
C TYR A 312 3.47 -13.62 -4.74
N VAL A 313 4.61 -14.11 -5.20
CA VAL A 313 5.73 -14.48 -4.34
C VAL A 313 6.95 -13.71 -4.81
N ARG A 314 7.59 -13.01 -3.87
CA ARG A 314 8.87 -12.39 -4.16
C ARG A 314 9.70 -12.32 -2.89
N THR A 315 11.00 -12.12 -3.06
CA THR A 315 11.89 -11.84 -1.95
C THR A 315 12.13 -10.35 -1.87
N ASN A 316 12.28 -9.88 -0.64
CA ASN A 316 12.31 -8.44 -0.43
C ASN A 316 13.08 -8.20 0.86
N GLY A 317 13.30 -6.93 1.17
CA GLY A 317 14.01 -6.58 2.37
C GLY A 317 13.56 -5.20 2.81
N THR A 318 13.80 -4.92 4.08
CA THR A 318 13.50 -3.63 4.67
C THR A 318 14.47 -3.44 5.82
N SER A 319 14.39 -2.28 6.47
CA SER A 319 15.32 -1.93 7.53
C SER A 319 14.55 -1.38 8.71
N LYS A 320 15.21 -1.37 9.88
CA LYS A 320 14.64 -0.76 11.07
C LYS A 320 14.02 0.59 10.77
N ILE A 321 14.79 1.48 10.13
CA ILE A 321 14.29 2.83 9.89
C ILE A 321 13.08 2.80 8.95
N LYS A 322 13.09 1.92 7.95
CA LYS A 322 11.93 1.89 7.06
C LYS A 322 10.72 1.29 7.76
N MET A 323 10.94 0.35 8.68
CA MET A 323 9.82 -0.24 9.41
C MET A 323 9.27 0.75 10.42
N LYS A 324 10.14 1.56 11.02
CA LYS A 324 9.68 2.68 11.84
C LYS A 324 8.81 3.63 11.03
N TRP A 325 9.24 3.96 9.81
CA TRP A 325 8.44 4.84 8.96
C TRP A 325 7.12 4.18 8.59
N GLY A 326 7.12 2.87 8.34
CA GLY A 326 5.88 2.21 7.99
C GLY A 326 4.88 2.19 9.12
N MET A 327 5.38 2.16 10.38
CA MET A 327 4.49 2.22 11.53
C MET A 327 3.85 3.58 11.70
N GLU A 328 4.36 4.61 11.01
CA GLU A 328 3.86 5.97 11.13
C GLU A 328 2.95 6.38 9.96
N MET A 329 2.56 5.45 9.10
CA MET A 329 1.75 5.78 7.93
C MET A 329 0.43 6.48 8.29
N ARG A 330 -0.06 6.35 9.51
CA ARG A 330 -1.25 7.13 9.84
C ARG A 330 -1.01 8.63 9.73
N ARG A 331 0.26 9.08 9.78
CA ARG A 331 0.57 10.49 9.58
C ARG A 331 0.17 11.00 8.21
N CYS A 332 0.06 10.11 7.21
CA CYS A 332 -0.51 10.49 5.93
C CYS A 332 -1.89 11.12 6.09
N LEU A 333 -2.67 10.61 7.05
CA LEU A 333 -3.98 11.17 7.29
C LEU A 333 -3.89 12.57 7.86
N LEU A 334 -2.95 12.78 8.79
CA LEU A 334 -2.81 14.11 9.36
C LEU A 334 -2.31 15.10 8.32
N GLN A 335 -1.34 14.67 7.49
CA GLN A 335 -0.77 15.58 6.50
C GLN A 335 -1.78 15.95 5.42
N SER A 336 -2.58 14.99 4.94
CA SER A 336 -3.67 15.31 4.02
C SER A 336 -4.65 16.29 4.65
N LEU A 337 -5.14 15.98 5.86
CA LEU A 337 -6.04 16.90 6.56
C LEU A 337 -5.46 18.30 6.60
N GLN A 338 -4.14 18.41 6.85
CA GLN A 338 -3.51 19.71 7.02
C GLN A 338 -3.44 20.48 5.71
N GLN A 339 -3.30 19.78 4.58
CA GLN A 339 -3.37 20.45 3.29
C GLN A 339 -4.78 20.95 3.01
N ILE A 340 -5.80 20.19 3.43
CA ILE A 340 -7.17 20.66 3.26
C ILE A 340 -7.39 21.92 4.09
N GLU A 341 -6.92 21.92 5.34
CA GLU A 341 -7.14 23.07 6.22
C GLU A 341 -6.45 24.34 5.70
N SER A 342 -5.32 24.20 5.01
CA SER A 342 -4.71 25.37 4.39
C SER A 342 -5.69 26.01 3.43
N MET A 343 -6.32 25.20 2.58
CA MET A 343 -7.27 25.72 1.62
C MET A 343 -8.46 26.36 2.31
N ILE A 344 -8.92 25.76 3.40
CA ILE A 344 -10.04 26.35 4.14
C ILE A 344 -9.62 27.66 4.77
N GLU A 345 -8.39 27.75 5.26
CA GLU A 345 -7.96 28.99 5.90
C GLU A 345 -7.74 30.10 4.90
N ALA A 346 -7.34 29.76 3.66
CA ALA A 346 -7.19 30.77 2.62
C ALA A 346 -8.53 31.37 2.24
N GLU A 347 -9.50 30.53 1.89
CA GLU A 347 -10.85 31.01 1.62
C GLU A 347 -11.41 31.77 2.82
N SER A 348 -11.10 31.32 4.04
CA SER A 348 -11.66 31.93 5.25
C SER A 348 -11.06 33.29 5.55
N SER A 349 -9.79 33.50 5.20
CA SER A 349 -9.21 34.82 5.38
C SER A 349 -9.75 35.78 4.33
N VAL A 350 -10.15 35.27 3.17
CA VAL A 350 -10.76 36.09 2.13
C VAL A 350 -12.16 36.55 2.56
N LYS A 351 -12.84 35.78 3.41
CA LYS A 351 -14.23 36.07 3.77
C LYS A 351 -14.36 36.57 5.20
N GLU A 352 -13.26 36.85 5.89
CA GLU A 352 -13.31 37.36 7.27
C GLU A 352 -14.25 36.53 8.13
N LYS A 353 -14.31 35.23 7.83
CA LYS A 353 -15.32 34.32 8.37
C LYS A 353 -14.82 32.91 8.16
N ASP A 354 -15.11 32.03 9.13
CA ASP A 354 -14.78 30.62 8.97
C ASP A 354 -15.60 30.01 7.84
N MET A 355 -14.93 29.22 7.00
CA MET A 355 -15.53 28.68 5.78
C MET A 355 -15.56 27.17 5.81
N THR A 356 -15.49 26.55 6.98
CA THR A 356 -15.39 25.09 7.04
C THR A 356 -16.66 24.42 6.51
N LYS A 357 -17.83 24.76 7.09
CA LYS A 357 -19.10 24.27 6.54
C LYS A 357 -19.19 24.55 5.05
N GLU A 358 -19.02 25.81 4.66
CA GLU A 358 -19.14 26.18 3.26
C GLU A 358 -18.20 25.35 2.38
N PHE A 359 -17.02 25.00 2.90
CA PHE A 359 -16.05 24.27 2.08
C PHE A 359 -16.45 22.82 1.90
N PHE A 360 -16.68 22.10 3.00
CA PHE A 360 -16.93 20.68 2.90
C PHE A 360 -18.30 20.37 2.31
N GLU A 361 -19.27 21.26 2.44
CA GLU A 361 -20.58 21.02 1.85
C GLU A 361 -20.69 21.63 0.46
N ASN A 362 -19.59 22.22 -0.05
CA ASN A 362 -19.52 22.70 -1.43
C ASN A 362 -20.66 23.67 -1.73
N LYS A 363 -20.88 24.61 -0.80
CA LYS A 363 -21.93 25.63 -0.94
C LYS A 363 -21.43 26.79 -1.80
N SER A 372 -17.02 32.52 -4.25
CA SER A 372 -16.26 32.68 -5.48
C SER A 372 -16.06 31.32 -6.21
N PRO A 373 -15.57 30.27 -5.55
CA PRO A 373 -15.49 28.97 -6.21
C PRO A 373 -16.88 28.49 -6.63
N LYS A 374 -16.97 28.01 -7.87
CA LYS A 374 -18.22 27.61 -8.50
C LYS A 374 -18.26 26.13 -8.85
N GLY A 375 -17.32 25.35 -8.34
CA GLY A 375 -17.22 23.96 -8.71
C GLY A 375 -16.04 23.33 -8.00
N VAL A 376 -15.86 22.04 -8.26
CA VAL A 376 -14.76 21.29 -7.67
C VAL A 376 -14.16 20.42 -8.78
N GLU A 377 -12.95 20.79 -9.24
CA GLU A 377 -12.38 20.26 -10.47
C GLU A 377 -12.40 18.73 -10.50
N GLU A 378 -12.01 18.11 -9.39
CA GLU A 378 -12.07 16.65 -9.30
C GLU A 378 -13.50 16.11 -9.36
N GLY A 379 -14.51 16.95 -9.10
CA GLY A 379 -15.91 16.56 -9.15
C GLY A 379 -16.65 16.71 -7.83
N SER A 380 -15.93 16.58 -6.71
CA SER A 380 -16.51 16.70 -5.38
C SER A 380 -15.41 16.96 -4.37
N ILE A 381 -15.80 17.50 -3.22
CA ILE A 381 -14.86 17.70 -2.11
C ILE A 381 -14.30 16.38 -1.64
N GLY A 382 -15.10 15.32 -1.71
CA GLY A 382 -14.61 14.02 -1.27
C GLY A 382 -13.45 13.51 -2.08
N LYS A 383 -13.52 13.69 -3.41
CA LYS A 383 -12.44 13.21 -4.25
C LYS A 383 -11.17 14.02 -4.02
N VAL A 384 -11.29 15.30 -3.69
CA VAL A 384 -10.11 16.11 -3.38
C VAL A 384 -9.39 15.55 -2.16
N CYS A 385 -10.14 15.32 -1.07
CA CYS A 385 -9.57 14.73 0.14
C CYS A 385 -8.90 13.40 -0.16
N ARG A 386 -9.56 12.54 -0.93
CA ARG A 386 -9.01 11.21 -1.13
C ARG A 386 -7.82 11.26 -2.08
N THR A 387 -7.80 12.22 -3.01
CA THR A 387 -6.65 12.40 -3.89
C THR A 387 -5.43 12.90 -3.13
N LEU A 388 -5.61 13.90 -2.26
CA LEU A 388 -4.51 14.35 -1.41
C LEU A 388 -3.99 13.19 -0.57
N LEU A 389 -4.90 12.40 0.01
CA LEU A 389 -4.49 11.23 0.78
C LEU A 389 -3.69 10.26 -0.09
N ALA A 390 -4.27 9.85 -1.22
CA ALA A 390 -3.61 8.87 -2.07
C ALA A 390 -2.22 9.34 -2.50
N LYS A 391 -2.07 10.63 -2.77
CA LYS A 391 -0.76 11.19 -3.05
C LYS A 391 0.19 10.95 -1.88
N SER A 392 -0.27 11.23 -0.67
CA SER A 392 0.59 11.13 0.50
C SER A 392 0.98 9.68 0.76
N VAL A 393 0.01 8.76 0.65
CA VAL A 393 0.30 7.34 0.89
C VAL A 393 1.25 6.80 -0.15
N PHE A 394 1.07 7.18 -1.42
CA PHE A 394 1.97 6.69 -2.45
C PHE A 394 3.37 7.29 -2.32
N ASN A 395 3.49 8.50 -1.77
CA ASN A 395 4.82 8.99 -1.40
C ASN A 395 5.45 8.10 -0.35
N SER A 396 4.64 7.54 0.55
CA SER A 396 5.15 6.63 1.55
C SER A 396 5.47 5.28 0.93
N LEU A 397 4.50 4.69 0.23
CA LEU A 397 4.69 3.35 -0.32
C LEU A 397 5.79 3.28 -1.37
N TYR A 398 6.04 4.37 -2.10
CA TYR A 398 7.04 4.37 -3.15
C TYR A 398 8.14 5.38 -2.86
N ALA A 399 8.51 5.52 -1.58
CA ALA A 399 9.60 6.42 -1.19
C ALA A 399 10.91 6.01 -1.87
N SER A 400 11.76 7.00 -2.15
CA SER A 400 12.99 6.75 -2.90
C SER A 400 13.78 8.04 -3.07
N PRO A 401 15.11 7.95 -3.13
CA PRO A 401 15.90 9.15 -3.50
C PRO A 401 15.40 9.82 -4.76
N GLN A 402 15.02 9.04 -5.78
CA GLN A 402 14.47 9.60 -7.01
C GLN A 402 13.28 10.49 -6.70
N LEU A 403 12.39 10.05 -5.81
CA LEU A 403 11.24 10.87 -5.47
C LEU A 403 11.66 12.15 -4.78
N GLU A 404 12.76 12.11 -4.02
CA GLU A 404 13.19 13.30 -3.30
C GLU A 404 13.69 14.37 -4.27
N GLY A 405 14.59 13.97 -5.18
CA GLY A 405 15.12 14.94 -6.11
C GLY A 405 14.04 15.51 -6.99
N PHE A 406 13.18 14.64 -7.53
CA PHE A 406 12.10 15.12 -8.38
C PHE A 406 11.18 16.08 -7.62
N SER A 407 10.94 15.81 -6.34
CA SER A 407 9.99 16.64 -5.59
C SER A 407 10.54 18.04 -5.37
N ALA A 408 11.81 18.15 -4.99
CA ALA A 408 12.39 19.46 -4.78
C ALA A 408 12.59 20.20 -6.09
N GLU A 409 13.25 19.54 -7.05
CA GLU A 409 13.65 20.22 -8.26
C GLU A 409 12.47 20.54 -9.16
N SER A 410 11.36 19.81 -9.03
CA SER A 410 10.18 20.18 -9.79
C SER A 410 9.44 21.34 -9.15
N ARG A 411 9.48 21.46 -7.82
CA ARG A 411 8.89 22.63 -7.19
C ARG A 411 9.57 23.90 -7.68
N LYS A 412 10.90 23.86 -7.79
CA LYS A 412 11.63 25.02 -8.31
C LYS A 412 11.21 25.36 -9.73
N LEU A 413 11.18 24.36 -10.62
CA LEU A 413 10.75 24.61 -11.98
C LEU A 413 9.29 25.03 -12.05
N LEU A 414 8.46 24.55 -11.11
CA LEU A 414 7.07 24.98 -11.07
C LEU A 414 6.97 26.49 -10.84
N LEU A 415 7.54 26.97 -9.74
CA LEU A 415 7.44 28.39 -9.39
C LEU A 415 8.00 29.27 -10.50
N ILE A 416 9.05 28.81 -11.18
CA ILE A 416 9.65 29.61 -12.25
C ILE A 416 8.73 29.66 -13.46
N VAL A 417 8.10 28.54 -13.80
CA VAL A 417 7.16 28.58 -14.92
C VAL A 417 5.90 29.33 -14.52
N GLN A 418 5.47 29.24 -13.26
CA GLN A 418 4.30 29.98 -12.82
C GLN A 418 4.51 31.49 -12.98
N ALA A 419 5.60 32.02 -12.42
CA ALA A 419 5.85 33.44 -12.55
C ALA A 419 5.99 33.88 -14.00
N LEU A 420 6.32 32.95 -14.91
CA LEU A 420 6.43 33.30 -16.33
C LEU A 420 5.08 33.36 -17.02
N ARG A 421 4.21 32.38 -16.76
CA ARG A 421 2.89 32.39 -17.37
C ARG A 421 2.10 33.61 -16.89
N ASP A 422 2.26 33.98 -15.63
CA ASP A 422 1.49 35.10 -15.09
C ASP A 422 1.96 36.45 -15.63
N ASN A 423 3.24 36.59 -15.96
CA ASN A 423 3.81 37.88 -16.32
C ASN A 423 4.27 37.98 -17.77
N LEU A 424 3.73 37.14 -18.66
CA LEU A 424 4.06 37.22 -20.08
C LEU A 424 2.85 36.84 -20.93
N GLU A 425 3.00 37.02 -22.25
CA GLU A 425 2.13 36.43 -23.26
C GLU A 425 2.67 35.05 -23.65
N PRO A 426 1.91 34.24 -24.41
CA PRO A 426 2.42 32.89 -24.79
C PRO A 426 3.85 32.87 -25.34
N GLY A 427 4.22 33.81 -26.20
CA GLY A 427 5.62 33.92 -26.61
C GLY A 427 6.52 34.53 -25.55
N GLY A 432 17.48 25.39 -18.44
CA GLY A 432 18.32 24.38 -19.06
C GLY A 432 19.15 23.56 -18.09
N GLY A 433 19.65 24.20 -17.03
CA GLY A 433 20.44 23.51 -16.03
C GLY A 433 19.61 22.76 -15.02
N LEU A 434 18.55 23.41 -14.51
CA LEU A 434 17.65 22.77 -13.56
C LEU A 434 16.96 21.56 -14.19
N TYR A 435 16.79 21.58 -15.52
CA TYR A 435 16.19 20.46 -16.23
C TYR A 435 17.00 19.18 -16.07
N GLU A 436 18.32 19.27 -16.02
CA GLU A 436 19.12 18.08 -15.81
C GLU A 436 18.95 17.54 -14.40
N ALA A 437 18.73 18.42 -13.42
CA ALA A 437 18.55 17.97 -12.04
C ALA A 437 17.29 17.11 -11.90
N ILE A 438 16.19 17.52 -12.54
CA ILE A 438 14.94 16.77 -12.45
C ILE A 438 15.04 15.45 -13.19
N GLU A 439 15.51 15.49 -14.44
CA GLU A 439 15.56 14.31 -15.29
C GLU A 439 16.62 13.30 -14.85
N GLU A 440 17.56 13.71 -13.99
CA GLU A 440 18.48 12.78 -13.34
C GLU A 440 17.79 11.91 -12.31
N CYS A 441 16.54 12.21 -11.96
CA CYS A 441 15.74 11.35 -11.12
C CYS A 441 14.77 10.50 -11.92
N LEU A 442 14.67 10.72 -13.23
CA LEU A 442 13.72 10.01 -14.08
C LEU A 442 14.44 8.80 -14.69
N ILE A 443 14.43 7.68 -13.97
CA ILE A 443 15.21 6.51 -14.36
C ILE A 443 14.33 5.28 -14.53
N ASN A 444 13.74 4.78 -13.44
CA ASN A 444 12.92 3.58 -13.55
C ASN A 444 11.81 3.48 -12.52
N ASP A 445 11.61 4.48 -11.68
CA ASP A 445 10.67 4.34 -10.58
C ASP A 445 9.27 4.68 -11.07
N PRO A 446 8.31 3.77 -10.94
CA PRO A 446 6.97 4.06 -11.47
C PRO A 446 6.36 5.33 -10.89
N TRP A 447 6.51 5.55 -9.60
CA TRP A 447 5.83 6.69 -8.97
C TRP A 447 6.48 8.00 -9.41
N VAL A 448 7.80 8.02 -9.51
CA VAL A 448 8.46 9.23 -9.99
C VAL A 448 8.10 9.49 -11.46
N LEU A 449 8.08 8.45 -12.28
CA LEU A 449 7.77 8.67 -13.70
C LEU A 449 6.34 9.14 -13.89
N LEU A 450 5.40 8.53 -13.14
CA LEU A 450 4.02 8.97 -13.19
C LEU A 450 3.89 10.43 -12.80
N ASN A 451 4.63 10.87 -11.77
CA ASN A 451 4.57 12.26 -11.34
C ASN A 451 5.18 13.19 -12.36
N ALA A 452 6.23 12.75 -13.06
CA ALA A 452 6.81 13.51 -14.16
C ALA A 452 5.81 13.63 -15.30
N SER A 453 5.16 12.52 -15.65
CA SER A 453 4.07 12.57 -16.61
C SER A 453 3.07 13.66 -16.22
N TRP A 454 2.65 13.67 -14.95
CA TRP A 454 1.72 14.68 -14.47
C TRP A 454 2.28 16.08 -14.62
N PHE A 455 3.57 16.25 -14.33
CA PHE A 455 4.20 17.55 -14.48
C PHE A 455 4.09 18.05 -15.92
N ASN A 456 4.32 17.16 -16.89
CA ASN A 456 4.19 17.56 -18.29
C ASN A 456 2.77 18.00 -18.64
N SER A 457 1.76 17.42 -17.99
CA SER A 457 0.38 17.90 -18.18
C SER A 457 0.17 19.29 -17.59
N PHE A 458 0.71 19.54 -16.39
CA PHE A 458 0.65 20.89 -15.85
C PHE A 458 1.41 21.89 -16.70
N LEU A 459 2.27 21.42 -17.61
CA LEU A 459 2.95 22.31 -18.54
C LEU A 459 2.08 22.64 -19.74
N THR A 460 1.59 21.61 -20.43
CA THR A 460 0.74 21.81 -21.60
C THR A 460 -0.50 22.62 -21.27
N HIS A 461 -0.95 22.61 -20.01
CA HIS A 461 -1.94 23.57 -19.59
C HIS A 461 -1.28 24.73 -18.83
#